data_2ZH9
#
_entry.id   2ZH9
#
_cell.length_a   57.910
_cell.length_b   57.910
_cell.length_c   441.035
_cell.angle_alpha   90.00
_cell.angle_beta   90.00
_cell.angle_gamma   90.00
#
_symmetry.space_group_name_H-M   'P 43 21 2'
#
loop_
_entity.id
_entity.type
_entity.pdbx_description
1 polymer 'tRNA (33-MER)'
2 polymer 'CCA-adding enzyme'
3 non-polymer 'SULFATE ION'
4 water water
#
loop_
_entity_poly.entity_id
_entity_poly.type
_entity_poly.pdbx_seq_one_letter_code
_entity_poly.pdbx_strand_id
1 'polyribonucleotide' GGCCCGGGGCGGUUCGAUUCCGCCCUGGGCCAU B
2 'polypeptide(L)'
;MKVEEILEKALELVIPDEEEVRKGREAEEELRRRLDELGVEYVFVGSYARNTWLKGSLEIDVFLLFPEEFSKEELRERGL
EIGKAVLDSYEIRYAEHPYVHGVVKGVEVDVVPCYKLKEPKNIKSAVDRTPFHHKWLEGRIKGKENEVRLLKGFLKANGI
YGAEYKVRGFSGYLCELLIVFYGSFLETVKNARRWTRRTVIDVAKGEVRKGEEFFVVDPVDEKRNVAANLSLDNLARFVH
LCREFMEAPSLGFFKPKHPLEIEPERLRKIVEERGTAVFAVKFRKPDIVDDNLYPQLERASRKIFEFLERENFMPLRSAF
KASEEFCYLLFECQIKEISRVFRRMGPQFEDERNVKKFLSRNRAFRPFIENGRWWAFEMRKFTTPEEGVRSYASTHWHTL
GKNVGESIREYFEIISGEKLFKEPVTAELCEMMGVKD
;
A
#
loop_
_chem_comp.id
_chem_comp.type
_chem_comp.name
_chem_comp.formula
A RNA linking ADENOSINE-5'-MONOPHOSPHATE 'C10 H14 N5 O7 P'
C RNA linking CYTIDINE-5'-MONOPHOSPHATE 'C9 H14 N3 O8 P'
G RNA linking GUANOSINE-5'-MONOPHOSPHATE 'C10 H14 N5 O8 P'
SO4 non-polymer 'SULFATE ION' 'O4 S -2'
U RNA linking URIDINE-5'-MONOPHOSPHATE 'C9 H13 N2 O9 P'
#
# COMPACT_ATOMS: atom_id res chain seq x y z
N MET B 1 -12.35 26.73 -16.91
CA MET B 1 -12.58 25.34 -17.41
C MET B 1 -11.31 24.75 -18.04
N LYS B 2 -10.17 25.38 -17.79
CA LYS B 2 -8.90 24.91 -18.31
C LYS B 2 -7.86 24.80 -17.19
N VAL B 3 -6.84 23.99 -17.45
CA VAL B 3 -5.74 23.74 -16.52
C VAL B 3 -5.71 24.68 -15.32
N GLU B 4 -5.21 25.89 -15.55
CA GLU B 4 -5.09 26.92 -14.51
C GLU B 4 -6.41 27.08 -13.78
N GLU B 5 -7.43 27.45 -14.53
CA GLU B 5 -8.76 27.65 -14.00
C GLU B 5 -9.11 26.57 -12.97
N ILE B 6 -9.04 25.31 -13.41
CA ILE B 6 -9.34 24.18 -12.53
C ILE B 6 -8.47 24.22 -11.28
N LEU B 7 -7.17 24.39 -11.47
CA LEU B 7 -6.25 24.44 -10.33
C LEU B 7 -6.70 25.52 -9.36
N GLU B 8 -7.45 26.49 -9.86
CA GLU B 8 -7.97 27.58 -9.05
C GLU B 8 -8.97 27.04 -8.04
N LYS B 9 -10.07 26.52 -8.58
CA LYS B 9 -11.14 25.97 -7.77
C LYS B 9 -10.61 24.86 -6.89
N ALA B 10 -9.57 24.17 -7.37
CA ALA B 10 -8.98 23.06 -6.64
C ALA B 10 -8.42 23.45 -5.28
N LEU B 11 -7.72 24.57 -5.21
CA LEU B 11 -7.14 25.02 -3.96
C LEU B 11 -8.17 24.97 -2.84
N GLU B 12 -9.41 25.32 -3.19
CA GLU B 12 -10.53 25.34 -2.28
C GLU B 12 -10.72 23.97 -1.63
N LEU B 13 -10.26 22.94 -2.33
CA LEU B 13 -10.39 21.57 -1.84
C LEU B 13 -9.21 21.08 -1.00
N VAL B 14 -8.02 21.63 -1.25
CA VAL B 14 -6.82 21.17 -0.54
C VAL B 14 -6.25 22.10 0.53
N ILE B 15 -6.59 23.37 0.50
CA ILE B 15 -6.07 24.31 1.48
C ILE B 15 -6.97 24.43 2.70
N PRO B 16 -6.40 24.22 3.90
CA PRO B 16 -7.14 24.31 5.16
C PRO B 16 -7.69 25.72 5.30
N ASP B 17 -8.95 25.87 5.69
CA ASP B 17 -9.51 27.22 5.86
C ASP B 17 -9.07 27.87 7.18
N GLU B 18 -9.14 29.19 7.21
CA GLU B 18 -8.75 29.99 8.39
C GLU B 18 -9.02 29.32 9.75
N GLU B 19 -10.28 28.98 10.03
CA GLU B 19 -10.63 28.34 11.29
C GLU B 19 -9.87 27.04 11.52
N GLU B 20 -9.52 26.33 10.44
CA GLU B 20 -8.78 25.09 10.62
C GLU B 20 -7.32 25.40 10.90
N VAL B 21 -6.85 26.50 10.32
CA VAL B 21 -5.47 26.88 10.54
C VAL B 21 -5.37 27.51 11.92
N ARG B 22 -6.36 28.35 12.25
CA ARG B 22 -6.38 29.00 13.56
C ARG B 22 -6.42 27.95 14.66
N LYS B 23 -7.23 26.93 14.46
CA LYS B 23 -7.34 25.86 15.43
C LYS B 23 -5.93 25.32 15.61
N GLY B 24 -5.25 25.10 14.49
CA GLY B 24 -3.91 24.56 14.52
C GLY B 24 -2.84 25.43 15.14
N ARG B 25 -2.87 26.73 14.84
CA ARG B 25 -1.90 27.67 15.42
C ARG B 25 -2.07 27.67 16.94
N GLU B 26 -3.27 27.97 17.40
CA GLU B 26 -3.54 28.00 18.84
C GLU B 26 -3.12 26.69 19.52
N ALA B 27 -3.26 25.58 18.82
CA ALA B 27 -2.85 24.30 19.36
C ALA B 27 -1.33 24.28 19.41
N GLU B 28 -0.70 24.67 18.31
CA GLU B 28 0.75 24.74 18.23
C GLU B 28 1.25 25.62 19.37
N GLU B 29 0.54 26.73 19.56
CA GLU B 29 0.86 27.68 20.62
C GLU B 29 0.98 27.03 22.00
N GLU B 30 -0.16 26.55 22.50
CA GLU B 30 -0.23 25.82 23.75
C GLU B 30 0.87 24.78 23.90
N LEU B 31 0.96 23.91 22.89
CA LEU B 31 1.95 22.84 22.87
C LEU B 31 3.35 23.37 23.16
N ARG B 32 3.74 24.42 22.44
CA ARG B 32 5.05 25.03 22.63
C ARG B 32 5.23 25.48 24.08
N ARG B 33 4.17 26.06 24.64
CA ARG B 33 4.20 26.54 26.02
C ARG B 33 4.45 25.42 27.03
N ARG B 34 3.72 24.32 26.89
CA ARG B 34 3.86 23.21 27.83
C ARG B 34 5.24 22.55 27.78
N LEU B 35 5.77 22.41 26.57
CA LEU B 35 7.07 21.81 26.38
C LEU B 35 8.16 22.69 26.98
N ASP B 36 7.85 23.98 27.11
CA ASP B 36 8.80 24.94 27.66
C ASP B 36 8.72 25.03 29.17
N GLU B 37 7.50 24.99 29.70
CA GLU B 37 7.31 25.06 31.14
C GLU B 37 7.99 23.83 31.73
N LEU B 38 8.41 22.92 30.86
CA LEU B 38 9.13 21.71 31.25
C LEU B 38 10.54 21.84 30.67
N GLY B 39 10.68 22.82 29.77
CA GLY B 39 11.94 23.11 29.11
C GLY B 39 12.66 21.98 28.40
N VAL B 40 11.96 21.29 27.52
CA VAL B 40 12.56 20.19 26.76
C VAL B 40 13.06 20.68 25.42
N GLU B 41 14.05 20.00 24.86
CA GLU B 41 14.58 20.38 23.58
C GLU B 41 13.74 19.71 22.48
N TYR B 42 12.89 20.50 21.82
CA TYR B 42 12.03 19.96 20.76
C TYR B 42 12.05 20.71 19.43
N VAL B 43 11.56 20.06 18.39
CA VAL B 43 11.48 20.66 17.05
C VAL B 43 10.25 20.16 16.27
N PHE B 44 9.38 21.08 15.86
CA PHE B 44 8.17 20.75 15.09
C PHE B 44 8.52 20.45 13.63
N VAL B 45 8.13 19.27 13.16
CA VAL B 45 8.44 18.91 11.80
C VAL B 45 7.21 18.27 11.13
N GLY B 46 7.36 17.82 9.89
CA GLY B 46 6.23 17.34 9.13
C GLY B 46 5.51 18.48 8.47
N SER B 47 4.43 18.15 7.78
CA SER B 47 3.62 19.12 7.05
C SER B 47 3.03 20.29 7.85
N TYR B 48 2.84 20.12 9.15
CA TYR B 48 2.30 21.24 9.89
C TYR B 48 3.38 22.32 10.00
N ALA B 49 4.59 21.90 10.33
CA ALA B 49 5.69 22.83 10.49
C ALA B 49 6.07 23.55 9.21
N ARG B 50 5.66 23.02 8.06
CA ARG B 50 6.00 23.64 6.79
C ARG B 50 4.75 24.07 6.03
N ASN B 51 3.62 24.07 6.72
CA ASN B 51 2.34 24.44 6.12
C ASN B 51 2.13 23.78 4.77
N THR B 52 2.34 22.48 4.71
CA THR B 52 2.13 21.72 3.49
C THR B 52 1.11 20.64 3.79
N TRP B 53 0.48 20.74 4.96
CA TRP B 53 -0.52 19.75 5.34
C TRP B 53 -1.79 19.94 4.52
N LEU B 54 -2.31 18.84 4.01
CA LEU B 54 -3.52 18.84 3.20
C LEU B 54 -4.73 19.20 4.05
N LYS B 55 -5.71 19.82 3.43
CA LYS B 55 -6.93 20.23 4.14
C LYS B 55 -7.56 19.06 4.89
N GLY B 56 -8.11 19.37 6.06
CA GLY B 56 -8.76 18.34 6.86
C GLY B 56 -7.86 17.25 7.41
N SER B 57 -6.53 17.38 7.28
CA SER B 57 -5.62 16.37 7.80
C SER B 57 -4.58 16.97 8.74
N LEU B 58 -5.05 17.86 9.60
CA LEU B 58 -4.19 18.51 10.57
C LEU B 58 -3.61 17.57 11.62
N GLU B 59 -2.29 17.60 11.75
CA GLU B 59 -1.61 16.79 12.75
C GLU B 59 -0.23 17.38 12.96
N ILE B 60 0.06 17.72 14.22
CA ILE B 60 1.33 18.31 14.60
C ILE B 60 2.33 17.23 15.01
N ASP B 61 3.56 17.34 14.55
CA ASP B 61 4.58 16.35 14.92
C ASP B 61 5.72 17.02 15.62
N VAL B 62 5.87 16.69 16.90
CA VAL B 62 6.91 17.26 17.74
C VAL B 62 8.00 16.23 18.01
N PHE B 63 9.19 16.51 17.51
CA PHE B 63 10.29 15.60 17.73
C PHE B 63 11.14 16.09 18.90
N LEU B 64 11.44 15.18 19.82
CA LEU B 64 12.22 15.50 21.00
C LEU B 64 13.66 15.09 20.77
N LEU B 65 14.55 16.07 20.78
CA LEU B 65 15.96 15.84 20.54
C LEU B 65 16.70 15.37 21.79
N PHE B 66 17.38 14.23 21.67
CA PHE B 66 18.13 13.66 22.78
C PHE B 66 19.60 13.44 22.42
N PRO B 67 20.49 13.60 23.40
CA PRO B 67 21.93 13.41 23.18
C PRO B 67 22.28 12.02 22.61
N GLU B 68 23.33 11.97 21.80
CA GLU B 68 23.75 10.71 21.22
C GLU B 68 23.92 9.62 22.26
N GLU B 69 24.70 9.93 23.29
CA GLU B 69 24.98 8.97 24.35
C GLU B 69 23.79 8.33 25.03
N PHE B 70 22.65 9.01 25.07
CA PHE B 70 21.48 8.43 25.73
C PHE B 70 21.16 7.05 25.17
N SER B 71 20.81 6.14 26.08
CA SER B 71 20.46 4.76 25.74
C SER B 71 19.11 4.75 25.03
N LYS B 72 18.89 3.71 24.23
CA LYS B 72 17.63 3.59 23.51
C LYS B 72 16.45 3.72 24.49
N GLU B 73 16.52 2.98 25.60
CA GLU B 73 15.47 2.97 26.63
C GLU B 73 15.18 4.33 27.25
N GLU B 74 16.23 5.10 27.54
CA GLU B 74 16.04 6.42 28.13
C GLU B 74 15.19 7.28 27.23
N LEU B 75 15.47 7.23 25.92
CA LEU B 75 14.68 8.02 24.97
C LEU B 75 13.19 7.69 25.09
N ARG B 76 12.85 6.41 25.10
CA ARG B 76 11.45 6.01 25.19
C ARG B 76 10.81 6.27 26.56
N GLU B 77 11.54 6.01 27.65
CA GLU B 77 11.00 6.26 28.99
C GLU B 77 10.71 7.76 29.12
N ARG B 78 11.76 8.57 28.94
CA ARG B 78 11.63 10.01 29.03
C ARG B 78 10.65 10.51 27.96
N GLY B 79 10.65 9.82 26.82
CA GLY B 79 9.76 10.19 25.75
C GLY B 79 8.32 10.09 26.19
N LEU B 80 7.99 8.97 26.81
CA LEU B 80 6.64 8.77 27.29
C LEU B 80 6.32 9.77 28.39
N GLU B 81 7.30 10.02 29.26
CA GLU B 81 7.13 10.93 30.37
C GLU B 81 6.69 12.30 29.88
N ILE B 82 7.46 12.86 28.95
CA ILE B 82 7.14 14.17 28.39
C ILE B 82 5.75 14.17 27.77
N GLY B 83 5.50 13.21 26.88
CA GLY B 83 4.21 13.13 26.23
C GLY B 83 3.03 13.16 27.18
N LYS B 84 3.13 12.38 28.24
CA LYS B 84 2.08 12.29 29.25
C LYS B 84 1.80 13.65 29.90
N ALA B 85 2.88 14.32 30.31
CA ALA B 85 2.77 15.61 31.00
C ALA B 85 2.32 16.78 30.17
N VAL B 86 2.32 16.63 28.85
CA VAL B 86 1.92 17.73 27.98
C VAL B 86 0.64 17.47 27.18
N LEU B 87 0.25 16.22 27.06
CA LEU B 87 -0.95 15.89 26.31
C LEU B 87 -2.22 15.77 27.12
N ASP B 88 -3.27 16.40 26.63
CA ASP B 88 -4.59 16.35 27.25
C ASP B 88 -4.93 14.87 27.44
N SER B 89 -4.82 14.12 26.35
CA SER B 89 -5.07 12.69 26.34
C SER B 89 -3.82 12.08 25.73
N TYR B 90 -3.46 10.87 26.15
CA TYR B 90 -2.28 10.24 25.60
C TYR B 90 -2.52 8.78 25.38
N GLU B 91 -2.01 8.28 24.26
CA GLU B 91 -2.16 6.87 23.91
C GLU B 91 -0.87 6.39 23.28
N ILE B 92 -0.06 5.65 24.04
CA ILE B 92 1.20 5.15 23.51
C ILE B 92 0.94 4.52 22.14
N ARG B 93 1.93 4.58 21.26
CA ARG B 93 1.79 4.02 19.92
C ARG B 93 3.11 3.37 19.51
N TYR B 94 3.08 2.56 18.46
CA TYR B 94 4.29 1.90 18.04
C TYR B 94 4.64 2.08 16.58
N ALA B 95 5.91 1.82 16.29
CA ALA B 95 6.51 1.94 14.97
C ALA B 95 7.88 1.32 15.14
N GLU B 96 8.92 1.96 14.60
CA GLU B 96 10.27 1.43 14.74
C GLU B 96 10.55 1.28 16.23
N HIS B 97 10.08 2.25 17.00
CA HIS B 97 10.23 2.27 18.46
C HIS B 97 8.93 2.91 18.97
N PRO B 98 8.65 2.80 20.27
CA PRO B 98 7.40 3.41 20.72
C PRO B 98 7.45 4.92 20.81
N TYR B 99 6.34 5.57 20.51
CA TYR B 99 6.23 7.03 20.61
C TYR B 99 4.88 7.34 21.25
N VAL B 100 4.54 8.62 21.37
CA VAL B 100 3.27 8.96 22.01
C VAL B 100 2.32 9.74 21.12
N HIS B 101 1.04 9.42 21.18
CA HIS B 101 0.07 10.15 20.38
C HIS B 101 -0.99 10.76 21.28
N GLY B 102 -1.47 11.95 20.91
CA GLY B 102 -2.47 12.59 21.75
C GLY B 102 -3.25 13.71 21.08
N VAL B 103 -3.70 14.65 21.90
CA VAL B 103 -4.48 15.79 21.43
C VAL B 103 -4.27 17.01 22.34
N VAL B 104 -4.08 18.17 21.74
CA VAL B 104 -3.91 19.39 22.51
C VAL B 104 -4.91 20.37 21.89
N LYS B 105 -5.59 21.16 22.72
CA LYS B 105 -6.59 22.09 22.22
C LYS B 105 -7.45 21.60 21.07
N GLY B 106 -7.72 20.30 21.08
CA GLY B 106 -8.46 19.65 20.01
C GLY B 106 -7.79 19.30 18.69
N VAL B 107 -6.49 18.99 18.69
CA VAL B 107 -5.81 18.62 17.45
C VAL B 107 -4.85 17.49 17.70
N GLU B 108 -4.65 16.68 16.66
CA GLU B 108 -3.78 15.53 16.74
C GLU B 108 -2.33 15.91 16.91
N VAL B 109 -1.62 15.16 17.74
CA VAL B 109 -0.21 15.44 17.97
C VAL B 109 0.60 14.17 18.12
N ASP B 110 1.79 14.16 17.55
CA ASP B 110 2.67 13.03 17.65
C ASP B 110 3.95 13.46 18.32
N VAL B 111 4.23 12.89 19.48
CA VAL B 111 5.45 13.23 20.21
C VAL B 111 6.42 12.07 20.06
N VAL B 112 7.41 12.25 19.19
CA VAL B 112 8.39 11.21 18.94
C VAL B 112 9.74 11.52 19.53
N PRO B 113 10.44 10.49 19.97
CA PRO B 113 11.77 10.68 20.55
C PRO B 113 12.83 10.41 19.49
N CYS B 114 13.88 11.22 19.44
CA CYS B 114 14.96 11.02 18.48
C CYS B 114 16.28 11.58 18.98
N TYR B 115 17.37 11.22 18.29
CA TYR B 115 18.71 11.67 18.64
C TYR B 115 19.13 12.94 17.91
N LYS B 116 19.46 13.98 18.68
CA LYS B 116 19.93 15.23 18.10
C LYS B 116 21.31 14.88 17.55
N LEU B 117 21.44 14.79 16.24
CA LEU B 117 22.72 14.43 15.62
C LEU B 117 23.23 15.51 14.66
N LYS B 118 24.43 15.31 14.15
CA LYS B 118 24.98 16.25 13.18
C LYS B 118 25.51 15.46 12.00
N GLU B 119 25.02 15.80 10.82
CA GLU B 119 25.41 15.13 9.58
C GLU B 119 24.78 13.74 9.48
N PRO B 120 23.95 13.54 8.44
CA PRO B 120 23.19 12.36 8.05
C PRO B 120 23.69 10.99 8.52
N LYS B 121 24.98 10.72 8.40
CA LYS B 121 25.49 9.43 8.87
C LYS B 121 25.36 9.50 10.39
N ASN B 122 25.56 8.38 11.07
CA ASN B 122 25.31 8.27 12.52
C ASN B 122 23.85 8.12 12.90
N ILE B 123 22.96 8.38 11.95
CA ILE B 123 21.53 8.10 12.04
C ILE B 123 21.42 6.68 12.63
N LYS B 124 20.69 6.55 13.73
CA LYS B 124 20.47 5.24 14.34
C LYS B 124 19.13 4.64 13.92
N SER B 125 18.06 5.39 14.16
CA SER B 125 16.71 4.97 13.78
C SER B 125 16.37 5.70 12.48
N ALA B 126 15.24 5.36 11.87
CA ALA B 126 14.85 6.04 10.66
C ALA B 126 14.36 7.43 11.07
N VAL B 127 13.65 7.51 12.18
CA VAL B 127 13.11 8.78 12.65
C VAL B 127 14.21 9.80 12.95
N ASP B 128 15.45 9.34 13.07
CA ASP B 128 16.57 10.26 13.35
C ASP B 128 16.87 11.10 12.12
N ARG B 129 16.46 10.58 10.98
CA ARG B 129 16.67 11.23 9.70
C ARG B 129 15.61 12.32 9.45
N THR B 130 14.44 12.17 10.04
CA THR B 130 13.38 13.14 9.83
C THR B 130 13.84 14.57 10.08
N PRO B 131 14.51 14.81 11.22
CA PRO B 131 14.98 16.18 11.51
C PRO B 131 15.75 16.80 10.33
N PHE B 132 16.62 16.02 9.71
CA PHE B 132 17.38 16.48 8.56
C PHE B 132 16.42 16.84 7.42
N HIS B 133 15.59 15.86 7.05
CA HIS B 133 14.62 16.07 5.99
C HIS B 133 13.92 17.40 6.23
N HIS B 134 13.67 17.75 7.47
CA HIS B 134 13.00 19.00 7.72
C HIS B 134 13.92 20.16 7.40
N LYS B 135 15.15 20.11 7.89
CA LYS B 135 16.11 21.19 7.62
C LYS B 135 16.24 21.41 6.15
N TRP B 136 16.59 20.34 5.44
CA TRP B 136 16.80 20.40 4.00
C TRP B 136 15.58 20.89 3.25
N LEU B 137 14.41 20.62 3.81
CA LEU B 137 13.15 20.95 3.15
C LEU B 137 12.49 22.28 3.47
N GLU B 138 12.80 22.87 4.62
CA GLU B 138 12.13 24.11 4.95
C GLU B 138 12.49 25.32 4.12
N GLY B 139 13.77 25.59 3.92
CA GLY B 139 14.14 26.73 3.12
C GLY B 139 13.70 26.61 1.67
N ARG B 140 13.78 25.41 1.13
CA ARG B 140 13.44 25.14 -0.25
C ARG B 140 11.98 25.07 -0.61
N ILE B 141 11.11 24.70 0.31
CA ILE B 141 9.70 24.58 -0.06
C ILE B 141 8.87 25.85 0.07
N LYS B 142 9.40 26.82 0.81
CA LYS B 142 8.67 28.05 1.07
C LYS B 142 8.06 28.74 -0.16
N GLY B 143 6.80 29.14 -0.02
CA GLY B 143 6.12 29.81 -1.10
C GLY B 143 5.53 28.86 -2.12
N LYS B 144 5.62 27.56 -1.85
CA LYS B 144 5.11 26.56 -2.79
C LYS B 144 4.19 25.56 -2.09
N GLU B 145 3.91 25.82 -0.82
CA GLU B 145 3.07 24.91 -0.06
C GLU B 145 1.78 24.55 -0.79
N ASN B 146 1.10 25.53 -1.37
CA ASN B 146 -0.15 25.26 -2.07
C ASN B 146 0.09 24.32 -3.24
N GLU B 147 1.32 24.26 -3.71
CA GLU B 147 1.66 23.36 -4.79
C GLU B 147 1.75 21.96 -4.19
N VAL B 148 2.38 21.85 -3.02
CA VAL B 148 2.48 20.55 -2.39
C VAL B 148 1.07 20.01 -2.10
N ARG B 149 0.12 20.90 -1.82
CA ARG B 149 -1.25 20.49 -1.52
C ARG B 149 -2.03 20.02 -2.74
N LEU B 150 -1.91 20.73 -3.86
CA LEU B 150 -2.60 20.29 -5.05
C LEU B 150 -2.13 18.87 -5.37
N LEU B 151 -0.82 18.65 -5.29
CA LEU B 151 -0.25 17.34 -5.57
C LEU B 151 -0.81 16.29 -4.60
N LYS B 152 -0.72 16.58 -3.31
CA LYS B 152 -1.24 15.64 -2.31
C LYS B 152 -2.72 15.40 -2.56
N GLY B 153 -3.44 16.46 -2.96
CA GLY B 153 -4.87 16.32 -3.21
C GLY B 153 -5.15 15.41 -4.39
N PHE B 154 -4.39 15.59 -5.45
CA PHE B 154 -4.53 14.79 -6.64
C PHE B 154 -4.37 13.30 -6.28
N LEU B 155 -3.23 12.96 -5.69
CA LEU B 155 -2.92 11.58 -5.30
C LEU B 155 -3.96 10.99 -4.33
N LYS B 156 -4.23 11.69 -3.24
CA LYS B 156 -5.18 11.22 -2.26
C LYS B 156 -6.52 10.87 -2.91
N ALA B 157 -6.97 11.72 -3.82
CA ALA B 157 -8.26 11.51 -4.50
C ALA B 157 -8.29 10.27 -5.39
N ASN B 158 -7.14 9.77 -5.79
CA ASN B 158 -7.12 8.58 -6.62
C ASN B 158 -6.47 7.44 -5.84
N GLY B 159 -6.66 7.50 -4.52
CA GLY B 159 -6.16 6.48 -3.62
C GLY B 159 -4.72 6.05 -3.73
N ILE B 160 -3.83 6.97 -4.08
CA ILE B 160 -2.43 6.64 -4.19
C ILE B 160 -1.59 7.66 -3.44
N TYR B 161 -2.09 8.17 -2.32
CA TYR B 161 -1.32 9.16 -1.56
C TYR B 161 -0.52 8.66 -0.36
N GLY B 162 -0.82 7.52 0.21
CA GLY B 162 0.02 7.10 1.32
C GLY B 162 1.24 6.29 0.91
N ALA B 163 2.22 6.16 1.80
CA ALA B 163 3.41 5.37 1.50
C ALA B 163 3.43 4.13 2.41
N GLU B 164 2.34 3.94 3.15
CA GLU B 164 2.21 2.78 4.02
C GLU B 164 1.74 1.63 3.13
N TYR B 165 2.00 0.41 3.58
CA TYR B 165 1.65 -0.78 2.82
C TYR B 165 0.21 -0.99 2.36
N LYS B 166 -0.74 -0.30 2.95
CA LYS B 166 -2.12 -0.45 2.53
C LYS B 166 -2.38 0.47 1.32
N VAL B 167 -1.36 1.17 0.85
CA VAL B 167 -1.50 2.08 -0.28
C VAL B 167 -0.34 1.99 -1.24
N ARG B 168 0.87 1.82 -0.73
CA ARG B 168 2.04 1.74 -1.58
C ARG B 168 2.05 2.86 -2.65
N GLY B 169 1.86 4.10 -2.18
CA GLY B 169 1.83 5.24 -3.08
C GLY B 169 2.98 6.23 -2.82
N PHE B 170 2.64 7.51 -2.81
CA PHE B 170 3.60 8.60 -2.63
C PHE B 170 3.58 9.14 -1.21
N SER B 171 4.71 9.17 -0.51
CA SER B 171 4.69 9.73 0.84
C SER B 171 4.74 11.26 0.75
N GLY B 172 4.29 11.92 1.82
CA GLY B 172 4.31 13.37 1.86
C GLY B 172 5.67 13.98 1.55
N TYR B 173 6.75 13.37 2.03
CA TYR B 173 8.10 13.84 1.77
C TYR B 173 8.35 13.72 0.27
N LEU B 174 8.00 12.58 -0.32
CA LEU B 174 8.20 12.42 -1.75
C LEU B 174 7.52 13.56 -2.50
N CYS B 175 6.30 13.89 -2.07
CA CYS B 175 5.54 14.96 -2.71
C CYS B 175 6.27 16.30 -2.72
N GLU B 176 6.79 16.71 -1.57
CA GLU B 176 7.49 17.97 -1.54
C GLU B 176 8.73 17.88 -2.42
N LEU B 177 9.54 16.84 -2.22
CA LEU B 177 10.73 16.71 -3.05
C LEU B 177 10.34 16.92 -4.50
N LEU B 178 9.23 16.32 -4.94
CA LEU B 178 8.81 16.49 -6.32
C LEU B 178 8.56 17.96 -6.64
N ILE B 179 7.79 18.64 -5.80
CA ILE B 179 7.52 20.06 -6.02
C ILE B 179 8.82 20.86 -6.07
N VAL B 180 9.73 20.58 -5.14
CA VAL B 180 11.01 21.27 -5.07
C VAL B 180 11.83 21.01 -6.33
N PHE B 181 11.48 19.97 -7.08
CA PHE B 181 12.22 19.63 -8.29
C PHE B 181 11.59 20.20 -9.54
N TYR B 182 10.28 20.01 -9.68
CA TYR B 182 9.58 20.50 -10.85
C TYR B 182 9.08 21.92 -10.72
N GLY B 183 8.98 22.40 -9.49
CA GLY B 183 8.56 23.78 -9.29
C GLY B 183 7.11 24.00 -8.93
N SER B 184 6.26 23.04 -9.26
CA SER B 184 4.86 23.16 -8.94
C SER B 184 4.11 21.92 -9.40
N PHE B 185 2.83 21.86 -9.01
CA PHE B 185 1.96 20.75 -9.34
C PHE B 185 1.88 20.53 -10.84
N LEU B 186 1.51 21.58 -11.57
CA LEU B 186 1.39 21.45 -13.01
C LEU B 186 2.66 20.91 -13.66
N GLU B 187 3.81 21.44 -13.28
CA GLU B 187 5.05 20.95 -13.88
C GLU B 187 5.27 19.49 -13.53
N THR B 188 4.94 19.12 -12.30
CA THR B 188 5.12 17.76 -11.84
C THR B 188 4.27 16.83 -12.67
N VAL B 189 3.01 17.21 -12.84
CA VAL B 189 2.08 16.43 -13.63
C VAL B 189 2.58 16.34 -15.07
N LYS B 190 2.88 17.50 -15.68
CA LYS B 190 3.38 17.55 -17.04
C LYS B 190 4.54 16.62 -17.32
N ASN B 191 5.55 16.65 -16.46
CA ASN B 191 6.71 15.81 -16.64
C ASN B 191 6.48 14.36 -16.29
N ALA B 192 5.61 14.12 -15.31
CA ALA B 192 5.33 12.75 -14.88
C ALA B 192 4.85 11.88 -16.02
N ARG B 193 4.25 12.49 -17.04
CA ARG B 193 3.76 11.76 -18.20
C ARG B 193 4.87 11.01 -18.92
N ARG B 194 6.07 11.56 -18.86
CA ARG B 194 7.21 10.95 -19.51
C ARG B 194 7.99 10.03 -18.58
N TRP B 195 7.50 9.84 -17.35
CA TRP B 195 8.17 8.95 -16.39
C TRP B 195 8.10 7.48 -16.85
N THR B 196 9.07 6.68 -16.43
CA THR B 196 9.10 5.26 -16.75
C THR B 196 9.58 4.50 -15.51
N ARG B 197 9.48 3.18 -15.55
CA ARG B 197 9.90 2.36 -14.40
C ARG B 197 11.40 2.32 -14.22
N ARG B 198 12.13 2.97 -15.12
CA ARG B 198 13.60 3.02 -15.02
C ARG B 198 14.05 4.45 -14.73
N THR B 199 13.11 5.28 -14.30
CA THR B 199 13.41 6.68 -14.02
C THR B 199 13.99 6.97 -12.64
N VAL B 200 15.07 7.75 -12.63
CA VAL B 200 15.72 8.14 -11.39
C VAL B 200 15.67 9.64 -11.29
N ILE B 201 15.24 10.13 -10.14
CA ILE B 201 15.14 11.56 -9.90
C ILE B 201 16.05 11.93 -8.73
N ASP B 202 17.15 12.62 -9.04
CA ASP B 202 18.13 13.04 -8.04
C ASP B 202 17.92 14.51 -7.72
N VAL B 203 17.12 14.77 -6.70
CA VAL B 203 16.82 16.14 -6.29
C VAL B 203 18.06 17.00 -6.18
N ALA B 204 18.99 16.57 -5.32
CA ALA B 204 20.22 17.28 -5.05
C ALA B 204 21.05 17.64 -6.26
N LYS B 205 21.01 16.82 -7.30
CA LYS B 205 21.78 17.11 -8.50
C LYS B 205 20.92 17.71 -9.59
N GLY B 206 19.66 17.99 -9.28
CA GLY B 206 18.76 18.56 -10.27
C GLY B 206 18.75 17.74 -11.55
N GLU B 207 19.15 16.48 -11.44
CA GLU B 207 19.22 15.59 -12.60
C GLU B 207 18.15 14.50 -12.66
N VAL B 208 17.94 13.99 -13.87
CA VAL B 208 16.99 12.90 -14.12
C VAL B 208 17.75 11.94 -14.99
N ARG B 209 17.77 10.68 -14.60
CA ARG B 209 18.49 9.70 -15.41
C ARG B 209 17.78 8.36 -15.47
N LYS B 210 18.44 7.40 -16.11
CA LYS B 210 17.88 6.06 -16.28
C LYS B 210 18.59 5.15 -15.29
N GLY B 211 17.80 4.41 -14.50
CA GLY B 211 18.36 3.49 -13.53
C GLY B 211 17.77 2.12 -13.74
N GLU B 212 17.90 1.25 -12.74
CA GLU B 212 17.34 -0.10 -12.86
C GLU B 212 15.90 -0.09 -12.39
N GLU B 213 15.56 0.90 -11.57
CA GLU B 213 14.23 1.01 -10.98
C GLU B 213 13.84 2.45 -10.73
N PHE B 214 12.54 2.72 -10.55
CA PHE B 214 12.09 4.09 -10.28
C PHE B 214 12.80 4.50 -8.99
N PHE B 215 13.55 5.59 -9.03
CA PHE B 215 14.32 5.96 -7.86
C PHE B 215 14.38 7.48 -7.60
N VAL B 216 13.87 7.91 -6.45
CA VAL B 216 13.93 9.31 -6.12
C VAL B 216 14.96 9.32 -4.99
N VAL B 217 16.18 9.76 -5.30
CA VAL B 217 17.24 9.73 -4.30
C VAL B 217 17.15 10.85 -3.29
N ASP B 218 17.13 10.43 -2.04
CA ASP B 218 17.02 11.30 -0.88
C ASP B 218 18.08 12.40 -0.84
N PRO B 219 17.66 13.68 -0.76
CA PRO B 219 18.63 14.79 -0.70
C PRO B 219 19.64 14.54 0.42
N VAL B 220 19.14 13.99 1.51
CA VAL B 220 19.94 13.71 2.69
C VAL B 220 20.76 12.42 2.58
N ASP B 221 20.24 11.43 1.88
CA ASP B 221 20.97 10.17 1.76
C ASP B 221 20.94 9.59 0.34
N GLU B 222 22.01 9.86 -0.40
CA GLU B 222 22.16 9.41 -1.80
C GLU B 222 21.89 7.91 -2.04
N LYS B 223 21.90 7.11 -0.99
CA LYS B 223 21.66 5.69 -1.16
C LYS B 223 20.18 5.35 -1.04
N ARG B 224 19.48 6.16 -0.25
CA ARG B 224 18.09 5.95 0.03
C ARG B 224 17.10 6.34 -1.06
N ASN B 225 16.10 5.49 -1.28
CA ASN B 225 15.09 5.80 -2.29
C ASN B 225 13.81 6.22 -1.57
N VAL B 226 13.45 7.49 -1.70
CA VAL B 226 12.26 8.01 -1.06
C VAL B 226 10.97 7.32 -1.52
N ALA B 227 10.93 6.93 -2.79
CA ALA B 227 9.75 6.28 -3.34
C ALA B 227 9.91 4.75 -3.29
N ALA B 228 10.74 4.29 -2.38
CA ALA B 228 11.03 2.88 -2.19
C ALA B 228 9.79 1.99 -2.16
N ASN B 229 8.75 2.44 -1.46
CA ASN B 229 7.56 1.63 -1.32
C ASN B 229 6.42 2.03 -2.25
N LEU B 230 6.76 2.55 -3.42
CA LEU B 230 5.72 2.94 -4.39
C LEU B 230 5.62 1.77 -5.38
N SER B 231 4.46 1.14 -5.46
CA SER B 231 4.28 -0.01 -6.33
C SER B 231 4.37 0.32 -7.81
N LEU B 232 4.89 -0.62 -8.58
CA LEU B 232 5.03 -0.42 -10.00
C LEU B 232 3.70 -0.01 -10.64
N ASP B 233 2.60 -0.59 -10.18
CA ASP B 233 1.30 -0.26 -10.76
C ASP B 233 0.80 1.12 -10.34
N ASN B 234 1.06 1.48 -9.08
CA ASN B 234 0.63 2.79 -8.62
C ASN B 234 1.46 3.84 -9.35
N LEU B 235 2.71 3.50 -9.66
CA LEU B 235 3.56 4.42 -10.39
C LEU B 235 2.86 4.62 -11.71
N ALA B 236 2.55 3.49 -12.36
CA ALA B 236 1.87 3.46 -13.65
C ALA B 236 0.55 4.21 -13.67
N ARG B 237 -0.25 4.02 -12.62
CA ARG B 237 -1.55 4.68 -12.55
C ARG B 237 -1.41 6.19 -12.53
N PHE B 238 -0.38 6.66 -11.83
CA PHE B 238 -0.15 8.08 -11.73
C PHE B 238 0.26 8.65 -13.08
N VAL B 239 1.19 7.99 -13.75
CA VAL B 239 1.64 8.44 -15.05
C VAL B 239 0.42 8.51 -15.96
N HIS B 240 -0.44 7.50 -15.86
CA HIS B 240 -1.60 7.52 -16.72
C HIS B 240 -2.56 8.63 -16.30
N LEU B 241 -2.67 8.87 -14.99
CA LEU B 241 -3.55 9.92 -14.50
C LEU B 241 -3.08 11.27 -14.98
N CYS B 242 -1.78 11.53 -14.86
CA CYS B 242 -1.24 12.80 -15.29
C CYS B 242 -1.44 12.98 -16.77
N ARG B 243 -1.30 11.91 -17.56
CA ARG B 243 -1.49 12.05 -19.01
C ARG B 243 -2.93 12.47 -19.33
N GLU B 244 -3.88 11.98 -18.55
CA GLU B 244 -5.28 12.30 -18.75
C GLU B 244 -5.57 13.72 -18.25
N PHE B 245 -5.04 14.07 -17.09
CA PHE B 245 -5.32 15.40 -16.58
C PHE B 245 -4.92 16.45 -17.61
N MET B 246 -3.72 16.31 -18.17
CA MET B 246 -3.29 17.29 -19.17
C MET B 246 -4.20 17.23 -20.39
N GLU B 247 -4.65 16.03 -20.74
CA GLU B 247 -5.52 15.84 -21.89
C GLU B 247 -6.87 16.50 -21.66
N ALA B 248 -7.50 16.20 -20.55
CA ALA B 248 -8.80 16.78 -20.22
C ALA B 248 -8.79 17.24 -18.76
N PRO B 249 -8.23 18.43 -18.51
CA PRO B 249 -8.18 18.96 -17.14
C PRO B 249 -9.58 18.98 -16.55
N SER B 250 -9.70 18.85 -15.23
CA SER B 250 -11.02 18.69 -14.61
C SER B 250 -10.78 18.90 -13.13
N LEU B 251 -11.82 19.36 -12.45
CA LEU B 251 -11.86 19.40 -10.99
C LEU B 251 -12.16 18.02 -10.40
N GLY B 252 -12.66 17.14 -11.25
CA GLY B 252 -13.01 15.80 -10.80
C GLY B 252 -11.82 14.99 -10.30
N PHE B 253 -10.65 15.28 -10.84
CA PHE B 253 -9.45 14.58 -10.43
C PHE B 253 -9.11 14.84 -8.98
N PHE B 254 -9.71 15.86 -8.37
CA PHE B 254 -9.41 16.17 -6.98
C PHE B 254 -10.53 15.74 -6.02
N LYS B 255 -11.58 15.14 -6.56
CA LYS B 255 -12.73 14.69 -5.78
C LYS B 255 -12.75 13.18 -5.55
N PRO B 256 -12.70 12.75 -4.28
CA PRO B 256 -12.72 11.33 -3.93
C PRO B 256 -13.84 10.60 -4.66
N LYS B 257 -13.48 9.62 -5.47
CA LYS B 257 -14.45 8.84 -6.24
C LYS B 257 -15.54 8.26 -5.36
N HIS B 258 -16.79 8.50 -5.75
CA HIS B 258 -17.95 8.01 -5.00
C HIS B 258 -17.94 6.49 -4.82
N PRO B 259 -18.24 6.02 -3.59
CA PRO B 259 -18.28 4.60 -3.23
C PRO B 259 -18.97 3.70 -4.28
N LEU B 260 -20.02 4.24 -4.89
CA LEU B 260 -20.80 3.54 -5.92
C LEU B 260 -21.22 2.06 -5.86
N GLU B 261 -21.94 1.72 -4.78
CA GLU B 261 -22.28 0.33 -4.48
C GLU B 261 -23.05 -0.28 -5.63
N ILE B 262 -23.31 -1.59 -5.54
CA ILE B 262 -24.02 -2.30 -6.58
C ILE B 262 -24.96 -3.33 -5.94
N GLU B 263 -26.20 -3.40 -6.40
CA GLU B 263 -27.13 -4.38 -5.83
C GLU B 263 -26.62 -5.78 -6.13
N PRO B 264 -26.60 -6.64 -5.13
CA PRO B 264 -26.12 -8.01 -5.34
C PRO B 264 -26.79 -8.74 -6.50
N GLU B 265 -27.95 -8.27 -6.92
CA GLU B 265 -28.64 -8.92 -8.02
C GLU B 265 -27.97 -8.63 -9.36
N ARG B 266 -27.47 -7.41 -9.53
CA ARG B 266 -26.77 -7.04 -10.76
C ARG B 266 -25.43 -7.75 -10.83
N LEU B 267 -24.78 -7.92 -9.68
CA LEU B 267 -23.50 -8.58 -9.61
C LEU B 267 -23.61 -10.05 -9.99
N ARG B 268 -24.69 -10.70 -9.56
CA ARG B 268 -24.85 -12.11 -9.89
C ARG B 268 -24.99 -12.26 -11.39
N LYS B 269 -25.78 -11.39 -12.00
CA LYS B 269 -25.99 -11.44 -13.45
C LYS B 269 -24.68 -11.30 -14.20
N ILE B 270 -23.86 -10.36 -13.74
CA ILE B 270 -22.58 -10.11 -14.37
C ILE B 270 -21.66 -11.33 -14.28
N VAL B 271 -21.65 -11.99 -13.14
CA VAL B 271 -20.83 -13.18 -12.97
C VAL B 271 -21.39 -14.26 -13.88
N GLU B 272 -22.69 -14.17 -14.17
CA GLU B 272 -23.26 -15.17 -15.03
C GLU B 272 -22.84 -14.90 -16.46
N GLU B 273 -22.80 -13.62 -16.83
CA GLU B 273 -22.40 -13.22 -18.17
C GLU B 273 -20.94 -13.58 -18.40
N ARG B 274 -20.13 -13.47 -17.34
CA ARG B 274 -18.72 -13.78 -17.45
C ARG B 274 -18.47 -15.29 -17.44
N GLY B 275 -19.43 -16.04 -16.94
CA GLY B 275 -19.31 -17.49 -16.90
C GLY B 275 -18.09 -18.02 -16.19
N THR B 276 -17.57 -17.23 -15.26
CA THR B 276 -16.37 -17.61 -14.51
C THR B 276 -16.71 -18.18 -13.15
N ALA B 277 -15.67 -18.55 -12.41
CA ALA B 277 -15.81 -19.06 -11.07
C ALA B 277 -15.42 -17.87 -10.20
N VAL B 278 -16.26 -17.55 -9.22
CA VAL B 278 -16.00 -16.43 -8.32
C VAL B 278 -16.18 -16.90 -6.89
N PHE B 279 -15.08 -16.93 -6.16
CA PHE B 279 -15.14 -17.38 -4.78
C PHE B 279 -14.18 -16.61 -3.89
N ALA B 280 -14.38 -16.70 -2.59
CA ALA B 280 -13.53 -15.99 -1.68
C ALA B 280 -13.11 -16.90 -0.55
N VAL B 281 -11.95 -16.61 0.03
CA VAL B 281 -11.47 -17.37 1.16
C VAL B 281 -11.62 -16.40 2.31
N LYS B 282 -12.48 -16.77 3.26
CA LYS B 282 -12.77 -15.95 4.42
C LYS B 282 -12.09 -16.52 5.65
N PHE B 283 -11.67 -15.65 6.54
CA PHE B 283 -11.03 -16.12 7.76
C PHE B 283 -11.01 -14.96 8.74
N ARG B 284 -10.69 -15.25 10.00
CA ARG B 284 -10.68 -14.19 11.00
C ARG B 284 -9.50 -13.27 10.85
N LYS B 285 -9.75 -11.96 10.91
CA LYS B 285 -8.69 -10.98 10.80
C LYS B 285 -7.70 -11.06 11.96
N PRO B 286 -6.41 -11.25 11.66
CA PRO B 286 -5.43 -11.32 12.73
C PRO B 286 -5.38 -9.93 13.36
N ASP B 287 -5.43 -9.87 14.69
CA ASP B 287 -5.40 -8.58 15.36
C ASP B 287 -3.98 -7.99 15.29
N ILE B 288 -3.65 -7.42 14.14
CA ILE B 288 -2.35 -6.81 13.93
C ILE B 288 -2.48 -5.52 13.15
N VAL B 289 -1.45 -4.69 13.24
CA VAL B 289 -1.45 -3.40 12.56
C VAL B 289 -1.49 -3.62 11.04
N ASP B 290 -2.15 -2.70 10.35
CA ASP B 290 -2.29 -2.74 8.90
C ASP B 290 -0.97 -2.97 8.16
N ASP B 291 0.09 -2.33 8.63
CA ASP B 291 1.38 -2.50 7.97
C ASP B 291 1.86 -3.94 8.00
N ASN B 292 1.20 -4.78 8.77
CA ASN B 292 1.59 -6.18 8.85
C ASN B 292 0.56 -7.09 8.18
N LEU B 293 -0.69 -6.67 8.25
CA LEU B 293 -1.79 -7.43 7.68
C LEU B 293 -1.78 -7.48 6.16
N TYR B 294 -1.68 -6.31 5.55
CA TYR B 294 -1.69 -6.25 4.09
C TYR B 294 -0.50 -6.90 3.40
N PRO B 295 0.71 -6.71 3.89
CA PRO B 295 1.76 -7.38 3.13
C PRO B 295 1.47 -8.88 3.13
N GLN B 296 0.84 -9.32 4.21
CA GLN B 296 0.47 -10.72 4.40
C GLN B 296 -0.68 -11.12 3.52
N LEU B 297 -1.74 -10.32 3.50
CA LEU B 297 -2.84 -10.63 2.62
C LEU B 297 -2.30 -10.75 1.19
N GLU B 298 -1.47 -9.78 0.78
CA GLU B 298 -0.91 -9.81 -0.56
C GLU B 298 -0.26 -11.16 -0.83
N ARG B 299 0.58 -11.61 0.08
CA ARG B 299 1.24 -12.89 -0.10
C ARG B 299 0.19 -13.98 -0.19
N ALA B 300 -0.65 -14.09 0.82
CA ALA B 300 -1.68 -15.12 0.82
C ALA B 300 -2.42 -15.15 -0.51
N SER B 301 -2.78 -13.97 -1.02
CA SER B 301 -3.49 -13.92 -2.28
C SER B 301 -2.60 -14.41 -3.40
N ARG B 302 -1.32 -14.07 -3.34
CA ARG B 302 -0.38 -14.47 -4.37
C ARG B 302 -0.24 -16.00 -4.43
N LYS B 303 0.01 -16.62 -3.28
CA LYS B 303 0.22 -18.06 -3.20
C LYS B 303 -0.95 -18.88 -3.73
N ILE B 304 -2.16 -18.45 -3.40
CA ILE B 304 -3.35 -19.15 -3.84
C ILE B 304 -3.59 -18.91 -5.33
N PHE B 305 -3.19 -17.73 -5.80
CA PHE B 305 -3.34 -17.40 -7.20
C PHE B 305 -2.40 -18.31 -7.98
N GLU B 306 -1.16 -18.36 -7.52
CA GLU B 306 -0.13 -19.16 -8.18
C GLU B 306 -0.46 -20.63 -8.12
N PHE B 307 -1.13 -21.05 -7.04
CA PHE B 307 -1.51 -22.44 -6.92
C PHE B 307 -2.58 -22.64 -7.99
N LEU B 308 -3.47 -21.65 -8.10
CA LEU B 308 -4.53 -21.67 -9.07
C LEU B 308 -4.05 -21.74 -10.50
N GLU B 309 -2.99 -21.01 -10.87
CA GLU B 309 -2.57 -21.12 -12.26
C GLU B 309 -1.80 -22.39 -12.58
N ARG B 310 -0.92 -22.82 -11.69
CA ARG B 310 -0.19 -24.05 -12.00
C ARG B 310 -1.18 -25.21 -11.93
N GLU B 311 -2.25 -25.02 -11.18
CA GLU B 311 -3.23 -26.07 -11.06
C GLU B 311 -4.18 -26.10 -12.27
N ASN B 312 -3.94 -25.20 -13.21
CA ASN B 312 -4.75 -25.13 -14.42
C ASN B 312 -6.16 -24.54 -14.36
N PHE B 313 -6.41 -23.58 -13.49
CA PHE B 313 -7.75 -23.05 -13.40
C PHE B 313 -7.88 -21.68 -14.06
N MET B 314 -6.77 -21.22 -14.60
CA MET B 314 -6.74 -19.95 -15.29
C MET B 314 -7.34 -18.80 -14.49
N PRO B 315 -6.69 -18.42 -13.39
CA PRO B 315 -7.20 -17.33 -12.57
C PRO B 315 -7.08 -16.09 -13.42
N LEU B 316 -8.00 -15.15 -13.29
CA LEU B 316 -7.93 -13.91 -14.03
C LEU B 316 -7.35 -12.77 -13.22
N ARG B 317 -7.86 -12.57 -12.02
CA ARG B 317 -7.29 -11.62 -11.07
C ARG B 317 -7.56 -12.02 -9.63
N SER B 318 -6.73 -11.55 -8.71
CA SER B 318 -6.96 -11.85 -7.30
C SER B 318 -7.38 -10.53 -6.68
N ALA B 319 -7.69 -10.56 -5.40
CA ALA B 319 -8.10 -9.36 -4.66
C ALA B 319 -8.33 -9.73 -3.20
N PHE B 320 -8.16 -8.76 -2.31
CA PHE B 320 -8.36 -9.03 -0.90
C PHE B 320 -9.02 -7.87 -0.18
N LYS B 321 -9.60 -8.16 0.97
CA LYS B 321 -10.28 -7.13 1.75
C LYS B 321 -10.25 -7.46 3.22
N ALA B 322 -10.11 -6.43 4.04
CA ALA B 322 -10.06 -6.60 5.47
C ALA B 322 -11.18 -5.81 6.11
N SER B 323 -11.78 -6.37 7.15
CA SER B 323 -12.84 -5.71 7.89
C SER B 323 -12.51 -5.80 9.37
N GLU B 324 -13.37 -5.24 10.21
CA GLU B 324 -13.17 -5.28 11.65
C GLU B 324 -13.15 -6.73 12.11
N GLU B 325 -13.94 -7.54 11.41
CA GLU B 325 -14.11 -8.95 11.73
C GLU B 325 -13.50 -10.14 10.96
N PHE B 326 -13.48 -10.03 9.62
CA PHE B 326 -12.76 -10.99 8.78
C PHE B 326 -11.94 -10.38 7.64
N CYS B 327 -11.30 -11.28 6.90
CA CYS B 327 -10.49 -10.92 5.75
C CYS B 327 -10.95 -11.84 4.63
N TYR B 328 -11.10 -11.29 3.43
CA TYR B 328 -11.53 -12.09 2.30
C TYR B 328 -10.50 -12.11 1.20
N LEU B 329 -10.19 -13.31 0.73
CA LEU B 329 -9.25 -13.46 -0.35
C LEU B 329 -10.10 -13.78 -1.58
N LEU B 330 -10.39 -12.78 -2.40
CA LEU B 330 -11.21 -12.97 -3.61
C LEU B 330 -10.46 -13.44 -4.85
N PHE B 331 -11.11 -14.31 -5.64
CA PHE B 331 -10.53 -14.83 -6.88
C PHE B 331 -11.61 -15.04 -7.94
N GLU B 332 -11.20 -15.00 -9.20
CA GLU B 332 -12.09 -15.24 -10.32
C GLU B 332 -11.31 -16.14 -11.25
N CYS B 333 -11.91 -17.25 -11.65
CA CYS B 333 -11.25 -18.18 -12.54
C CYS B 333 -12.04 -18.48 -13.80
N GLN B 334 -11.32 -18.74 -14.88
CA GLN B 334 -11.95 -19.05 -16.16
C GLN B 334 -12.49 -20.46 -16.18
N ILE B 335 -12.03 -21.28 -15.23
CA ILE B 335 -12.44 -22.68 -15.17
C ILE B 335 -13.27 -23.09 -13.97
N LYS B 336 -14.58 -23.21 -14.16
CA LYS B 336 -15.43 -23.62 -13.04
C LYS B 336 -15.14 -25.09 -12.72
N GLU B 337 -14.91 -25.92 -13.73
CA GLU B 337 -14.62 -27.33 -13.50
C GLU B 337 -13.58 -27.81 -14.49
N ILE B 338 -12.92 -28.93 -14.20
CA ILE B 338 -11.90 -29.43 -15.11
C ILE B 338 -11.93 -30.96 -15.10
N SER B 339 -11.61 -31.58 -16.22
CA SER B 339 -11.60 -33.03 -16.27
C SER B 339 -10.79 -33.59 -15.11
N ARG B 340 -11.02 -34.85 -14.80
CA ARG B 340 -10.31 -35.49 -13.72
C ARG B 340 -9.02 -36.09 -14.25
N VAL B 341 -8.97 -36.38 -15.56
CA VAL B 341 -7.75 -36.91 -16.16
C VAL B 341 -6.96 -35.76 -16.74
N PHE B 342 -5.65 -35.90 -16.72
CA PHE B 342 -4.73 -34.92 -17.28
C PHE B 342 -3.54 -35.75 -17.72
N ARG B 343 -2.72 -35.22 -18.62
CA ARG B 343 -1.56 -35.98 -19.09
C ARG B 343 -0.25 -35.56 -18.42
N ARG B 344 0.59 -36.56 -18.12
CA ARG B 344 1.87 -36.34 -17.48
C ARG B 344 2.99 -36.76 -18.41
N MET B 345 3.88 -35.83 -18.70
CA MET B 345 4.99 -36.10 -19.59
C MET B 345 5.98 -37.06 -18.95
N GLY B 346 6.46 -38.00 -19.74
CA GLY B 346 7.41 -38.98 -19.24
C GLY B 346 8.70 -38.89 -20.04
N PRO B 347 9.63 -39.82 -19.84
CA PRO B 347 10.93 -39.87 -20.53
C PRO B 347 10.79 -40.07 -22.02
N GLN B 348 11.89 -39.91 -22.75
CA GLN B 348 11.89 -40.13 -24.19
C GLN B 348 12.04 -41.63 -24.42
N PHE B 349 11.36 -42.14 -25.44
CA PHE B 349 11.36 -43.58 -25.71
C PHE B 349 12.65 -44.38 -25.61
N GLU B 350 13.76 -43.83 -26.05
CA GLU B 350 14.99 -44.62 -25.99
C GLU B 350 15.71 -44.65 -24.67
N ASP B 351 15.05 -44.21 -23.60
CA ASP B 351 15.66 -44.23 -22.28
C ASP B 351 14.88 -45.43 -21.74
N GLU B 352 15.45 -46.61 -21.95
CA GLU B 352 14.97 -47.84 -21.33
C GLU B 352 14.81 -47.78 -19.81
N ARG B 353 15.81 -47.25 -19.12
CA ARG B 353 15.76 -47.17 -17.67
C ARG B 353 14.54 -46.38 -17.19
N ASN B 354 14.56 -45.08 -17.42
CA ASN B 354 13.46 -44.23 -16.97
C ASN B 354 12.11 -44.68 -17.48
N VAL B 355 12.07 -45.13 -18.72
CA VAL B 355 10.82 -45.59 -19.28
C VAL B 355 10.28 -46.73 -18.43
N LYS B 356 11.16 -47.67 -18.08
CA LYS B 356 10.77 -48.81 -17.27
C LYS B 356 10.17 -48.33 -15.96
N LYS B 357 10.84 -47.41 -15.28
CA LYS B 357 10.30 -46.91 -14.03
C LYS B 357 8.95 -46.19 -14.29
N PHE B 358 8.89 -45.39 -15.35
CA PHE B 358 7.69 -44.65 -15.70
C PHE B 358 6.50 -45.58 -15.91
N LEU B 359 6.76 -46.71 -16.55
CA LEU B 359 5.70 -47.66 -16.79
C LEU B 359 5.48 -48.59 -15.60
N SER B 360 6.27 -48.43 -14.53
CA SER B 360 6.12 -49.32 -13.37
C SER B 360 5.03 -48.90 -12.39
N ARG B 361 4.61 -47.66 -12.47
CA ARG B 361 3.55 -47.15 -11.60
C ARG B 361 2.23 -47.62 -12.19
N ASN B 362 1.48 -48.42 -11.45
CA ASN B 362 0.21 -48.88 -12.01
C ASN B 362 -0.76 -47.72 -11.97
N ARG B 363 -1.40 -47.46 -13.11
CA ARG B 363 -2.35 -46.38 -13.24
C ARG B 363 -3.61 -46.97 -13.85
N ALA B 364 -4.67 -46.18 -13.88
CA ALA B 364 -5.92 -46.68 -14.41
C ALA B 364 -6.00 -46.72 -15.92
N PHE B 365 -5.31 -45.82 -16.60
CA PHE B 365 -5.46 -45.80 -18.04
C PHE B 365 -4.27 -45.94 -18.96
N ARG B 366 -3.22 -46.66 -18.61
CA ARG B 366 -2.29 -47.16 -19.65
C ARG B 366 -1.71 -46.02 -20.49
N PRO B 367 -0.46 -45.68 -20.22
CA PRO B 367 0.27 -44.61 -20.92
C PRO B 367 0.49 -44.92 -22.39
N PHE B 368 0.75 -43.87 -23.16
CA PHE B 368 0.96 -43.98 -24.60
C PHE B 368 2.19 -43.20 -25.08
N ILE B 369 2.60 -43.48 -26.32
CA ILE B 369 3.74 -42.83 -26.96
C ILE B 369 3.30 -41.75 -27.93
N GLU B 370 3.83 -40.54 -27.76
CA GLU B 370 3.50 -39.43 -28.64
C GLU B 370 4.73 -38.60 -28.94
N ASN B 371 5.00 -38.42 -30.24
CA ASN B 371 6.14 -37.64 -30.71
C ASN B 371 7.46 -37.93 -30.01
N GLY B 372 7.86 -39.20 -29.98
CA GLY B 372 9.12 -39.55 -29.38
C GLY B 372 9.14 -39.91 -27.92
N ARG B 373 8.16 -39.44 -27.15
CA ARG B 373 8.18 -39.76 -25.74
C ARG B 373 6.90 -40.27 -25.16
N TRP B 374 7.04 -40.93 -24.01
CA TRP B 374 5.92 -41.51 -23.30
C TRP B 374 5.09 -40.53 -22.50
N TRP B 375 3.84 -40.90 -22.30
CA TRP B 375 2.90 -40.07 -21.56
C TRP B 375 1.94 -40.98 -20.83
N ALA B 376 1.41 -40.48 -19.72
CA ALA B 376 0.46 -41.25 -18.96
C ALA B 376 -0.70 -40.35 -18.62
N PHE B 377 -1.87 -40.94 -18.46
CA PHE B 377 -3.03 -40.16 -18.06
C PHE B 377 -2.99 -40.36 -16.56
N GLU B 378 -3.29 -39.32 -15.81
CA GLU B 378 -3.28 -39.41 -14.36
C GLU B 378 -4.62 -38.83 -13.91
N MET B 379 -4.91 -38.88 -12.62
CA MET B 379 -6.16 -38.34 -12.11
C MET B 379 -5.95 -37.19 -11.12
N ARG B 380 -6.83 -36.19 -11.15
CA ARG B 380 -6.71 -35.06 -10.23
C ARG B 380 -7.40 -35.39 -8.93
N LYS B 381 -6.90 -34.80 -7.86
CA LYS B 381 -7.46 -34.99 -6.54
C LYS B 381 -8.64 -34.02 -6.35
N PHE B 382 -8.77 -33.07 -7.26
CA PHE B 382 -9.86 -32.08 -7.24
C PHE B 382 -10.15 -31.61 -8.65
N THR B 383 -11.37 -31.13 -8.90
CA THR B 383 -11.70 -30.70 -10.24
C THR B 383 -12.29 -29.31 -10.35
N THR B 384 -12.38 -28.61 -9.23
CA THR B 384 -12.89 -27.24 -9.27
C THR B 384 -11.93 -26.36 -8.49
N PRO B 385 -11.93 -25.05 -8.77
CA PRO B 385 -11.03 -24.14 -8.06
C PRO B 385 -11.25 -24.22 -6.55
N GLU B 386 -12.50 -23.99 -6.15
CA GLU B 386 -12.83 -24.02 -4.74
C GLU B 386 -12.33 -25.29 -4.07
N GLU B 387 -12.53 -26.44 -4.73
CA GLU B 387 -12.05 -27.67 -4.15
C GLU B 387 -10.54 -27.60 -3.94
N GLY B 388 -9.82 -27.17 -4.97
CA GLY B 388 -8.38 -27.05 -4.86
C GLY B 388 -7.94 -26.10 -3.76
N VAL B 389 -8.54 -24.93 -3.70
CA VAL B 389 -8.17 -23.97 -2.66
C VAL B 389 -8.44 -24.55 -1.28
N ARG B 390 -9.56 -25.25 -1.11
CA ARG B 390 -9.86 -25.86 0.19
C ARG B 390 -8.75 -26.82 0.56
N SER B 391 -8.15 -27.42 -0.46
CA SER B 391 -7.08 -28.36 -0.23
C SER B 391 -5.78 -27.59 0.08
N TYR B 392 -5.51 -26.56 -0.71
CA TYR B 392 -4.30 -25.77 -0.55
C TYR B 392 -4.21 -25.09 0.81
N ALA B 393 -5.24 -24.31 1.14
CA ALA B 393 -5.28 -23.61 2.41
C ALA B 393 -5.16 -24.54 3.62
N SER B 394 -5.74 -25.73 3.55
CA SER B 394 -5.68 -26.67 4.68
C SER B 394 -4.28 -27.18 4.94
N THR B 395 -3.52 -27.39 3.88
CA THR B 395 -2.17 -27.92 4.02
C THR B 395 -1.04 -26.92 3.95
N HIS B 396 -1.23 -25.80 3.26
CA HIS B 396 -0.16 -24.81 3.15
C HIS B 396 -0.45 -23.52 3.90
N TRP B 397 -1.36 -23.58 4.86
CA TRP B 397 -1.73 -22.41 5.64
C TRP B 397 -0.50 -21.66 6.13
N HIS B 398 0.55 -22.41 6.44
CA HIS B 398 1.78 -21.84 6.95
C HIS B 398 2.58 -21.01 5.94
N THR B 399 2.19 -21.06 4.68
CA THR B 399 2.91 -20.32 3.65
C THR B 399 2.23 -19.00 3.33
N LEU B 400 1.07 -18.75 3.93
CA LEU B 400 0.33 -17.54 3.67
C LEU B 400 0.59 -16.29 4.52
N GLY B 401 1.77 -16.20 5.12
CA GLY B 401 1.99 -15.13 6.06
C GLY B 401 1.91 -15.66 7.47
N LYS B 402 2.85 -15.25 8.31
CA LYS B 402 2.93 -15.68 9.71
C LYS B 402 1.58 -15.56 10.38
N ASN B 403 0.99 -14.37 10.35
CA ASN B 403 -0.30 -14.16 11.00
C ASN B 403 -1.51 -14.67 10.19
N VAL B 404 -1.68 -14.16 8.98
CA VAL B 404 -2.80 -14.59 8.16
C VAL B 404 -2.86 -16.12 8.12
N GLY B 405 -1.70 -16.76 8.03
CA GLY B 405 -1.64 -18.21 7.99
C GLY B 405 -2.03 -18.90 9.29
N GLU B 406 -1.69 -18.30 10.42
CA GLU B 406 -2.05 -18.88 11.70
C GLU B 406 -3.55 -18.79 11.86
N SER B 407 -4.14 -17.76 11.27
CA SER B 407 -5.58 -17.59 11.38
C SER B 407 -6.29 -18.60 10.50
N ILE B 408 -5.83 -18.71 9.26
CA ILE B 408 -6.44 -19.65 8.32
C ILE B 408 -6.33 -21.08 8.84
N ARG B 409 -5.20 -21.42 9.44
CA ARG B 409 -5.03 -22.76 9.97
C ARG B 409 -6.10 -23.08 11.01
N GLU B 410 -6.53 -22.09 11.78
CA GLU B 410 -7.54 -22.37 12.80
C GLU B 410 -8.96 -22.25 12.32
N TYR B 411 -9.19 -21.45 11.30
CA TYR B 411 -10.53 -21.29 10.77
C TYR B 411 -10.53 -20.60 9.43
N PHE B 412 -11.32 -21.13 8.51
CA PHE B 412 -11.43 -20.54 7.19
C PHE B 412 -12.59 -21.22 6.51
N GLU B 413 -13.17 -20.56 5.54
CA GLU B 413 -14.21 -21.17 4.73
C GLU B 413 -14.21 -20.56 3.34
N ILE B 414 -14.73 -21.29 2.36
CA ILE B 414 -14.79 -20.77 1.02
C ILE B 414 -16.22 -20.39 0.71
N ILE B 415 -16.42 -19.18 0.25
CA ILE B 415 -17.75 -18.70 -0.08
C ILE B 415 -17.81 -18.60 -1.59
N SER B 416 -19.02 -18.42 -2.13
CA SER B 416 -19.23 -18.28 -3.58
C SER B 416 -20.73 -18.24 -3.85
N GLY B 417 -21.09 -17.96 -5.10
CA GLY B 417 -22.50 -17.89 -5.44
C GLY B 417 -23.19 -16.78 -4.67
N GLU B 418 -24.51 -16.88 -4.55
CA GLU B 418 -25.30 -15.87 -3.86
C GLU B 418 -24.69 -15.49 -2.50
N LYS B 419 -24.45 -16.51 -1.67
CA LYS B 419 -23.89 -16.29 -0.34
C LYS B 419 -22.71 -15.32 -0.32
N LEU B 420 -21.95 -15.28 -1.41
CA LEU B 420 -20.79 -14.40 -1.47
C LEU B 420 -21.11 -12.92 -1.68
N PHE B 421 -22.16 -12.63 -2.44
CA PHE B 421 -22.55 -11.24 -2.70
C PHE B 421 -23.13 -10.59 -1.46
N LYS B 422 -23.47 -11.42 -0.48
CA LYS B 422 -24.01 -10.94 0.77
C LYS B 422 -22.87 -10.29 1.53
N GLU B 423 -21.72 -10.98 1.52
CA GLU B 423 -20.52 -10.50 2.19
C GLU B 423 -20.16 -9.08 1.78
N PRO B 424 -19.38 -8.38 2.63
CA PRO B 424 -18.95 -7.01 2.39
C PRO B 424 -17.76 -6.96 1.44
N VAL B 425 -17.95 -7.50 0.24
CA VAL B 425 -16.86 -7.55 -0.72
C VAL B 425 -17.27 -7.15 -2.14
N THR B 426 -18.46 -6.58 -2.28
CA THR B 426 -18.95 -6.21 -3.59
C THR B 426 -18.12 -5.19 -4.35
N ALA B 427 -17.61 -4.17 -3.68
CA ALA B 427 -16.82 -3.17 -4.37
C ALA B 427 -15.54 -3.78 -4.92
N GLU B 428 -14.79 -4.46 -4.06
CA GLU B 428 -13.55 -5.09 -4.47
C GLU B 428 -13.83 -5.97 -5.69
N LEU B 429 -14.88 -6.76 -5.62
CA LEU B 429 -15.27 -7.62 -6.73
C LEU B 429 -15.55 -6.81 -7.99
N CYS B 430 -16.30 -5.73 -7.86
CA CYS B 430 -16.59 -4.90 -9.01
C CYS B 430 -15.30 -4.32 -9.55
N GLU B 431 -14.45 -3.93 -8.63
CA GLU B 431 -13.15 -3.35 -8.92
C GLU B 431 -12.30 -4.40 -9.60
N MET B 432 -12.42 -5.63 -9.11
CA MET B 432 -11.66 -6.73 -9.66
C MET B 432 -12.01 -7.03 -11.12
N MET B 433 -13.31 -7.18 -11.38
CA MET B 433 -13.83 -7.50 -12.71
C MET B 433 -14.01 -6.33 -13.65
N GLY B 434 -13.54 -5.14 -13.27
CA GLY B 434 -13.73 -4.00 -14.15
C GLY B 434 -15.19 -3.67 -14.43
N VAL B 435 -16.09 -4.04 -13.52
CA VAL B 435 -17.49 -3.72 -13.71
C VAL B 435 -17.48 -2.22 -13.90
N LYS B 436 -18.22 -1.70 -14.88
CA LYS B 436 -18.22 -0.25 -15.09
C LYS B 436 -19.64 0.33 -15.09
N ASP B 437 -19.78 1.54 -14.55
CA ASP B 437 -21.05 2.27 -14.45
C ASP B 437 -21.11 2.96 -13.07
S SO4 C . -0.40 15.38 5.32
O1 SO4 C . -1.23 15.72 6.56
O2 SO4 C . -0.23 16.70 4.56
O3 SO4 C . 0.89 14.98 5.75
O4 SO4 C . -1.24 14.60 4.49
S SO4 D . 7.58 -17.50 -1.98
O1 SO4 D . 8.20 -16.21 -2.53
O2 SO4 D . 7.99 -18.60 -2.95
O3 SO4 D . 8.20 -17.76 -0.73
O4 SO4 D . 6.18 -17.33 -2.18
#